data_4PE1
#
_entry.id   4PE1
#
_cell.length_a   34.649
_cell.length_b   56.463
_cell.length_c   48.269
_cell.angle_alpha   90.000
_cell.angle_beta   110.100
_cell.angle_gamma   90.000
#
_symmetry.space_group_name_H-M   'P 1 21 1'
#
loop_
_entity.id
_entity.type
_entity.pdbx_description
1 polymer 'Protein S100-B'
2 non-polymer 'DIETHYLCARBAMODITHIOIC ACID'
3 non-polymer 'CALCIUM ION'
4 water water
#
_entity_poly.entity_id   1
_entity_poly.type   'polypeptide(L)'
_entity_poly.pdbx_seq_one_letter_code
;MSELEKAVVALIDVFHQYSGREGDKHKLKKSELKELINNELSHFLEEIKEQEVVDKVMETLDSDGDGECDFQEFMAFVAM
ITTACHEFFEHE
;
_entity_poly.pdbx_strand_id   A,B
#
# COMPACT_ATOMS: atom_id res chain seq x y z
N MET A 1 -5.22 -6.87 15.91
CA MET A 1 -4.33 -6.37 14.86
C MET A 1 -4.02 -4.88 15.03
N SER A 2 -2.81 -4.49 14.61
CA SER A 2 -2.41 -3.09 14.64
C SER A 2 -3.10 -2.31 13.54
N GLU A 3 -2.99 -0.98 13.59
CA GLU A 3 -3.54 -0.14 12.53
C GLU A 3 -2.90 -0.49 11.18
N LEU A 4 -1.60 -0.76 11.18
CA LEU A 4 -0.91 -1.15 9.94
C LEU A 4 -1.47 -2.48 9.41
N GLU A 5 -1.68 -3.44 10.30
CA GLU A 5 -2.24 -4.72 9.88
C GLU A 5 -3.67 -4.54 9.38
N LYS A 6 -4.46 -3.73 10.07
CA LYS A 6 -5.83 -3.44 9.63
C LYS A 6 -5.82 -2.79 8.26
N ALA A 7 -4.82 -1.94 8.01
CA ALA A 7 -4.70 -1.31 6.70
C ALA A 7 -4.43 -2.32 5.59
N VAL A 8 -3.52 -3.26 5.85
CA VAL A 8 -3.23 -4.32 4.87
C VAL A 8 -4.49 -5.12 4.54
N VAL A 9 -5.25 -5.48 5.57
CA VAL A 9 -6.50 -6.22 5.40
C VAL A 9 -7.51 -5.41 4.57
N ALA A 10 -7.64 -4.11 4.89
CA ALA A 10 -8.52 -3.22 4.16
C ALA A 10 -8.20 -3.20 2.68
N LEU A 11 -6.89 -3.18 2.37
CA LEU A 11 -6.44 -3.14 0.99
C LEU A 11 -6.86 -4.38 0.21
N ILE A 12 -6.63 -5.57 0.78
CA ILE A 12 -7.03 -6.80 0.09
C ILE A 12 -8.56 -6.94 0.05
N ASP A 13 -9.24 -6.50 1.10
CA ASP A 13 -10.70 -6.55 1.16
C ASP A 13 -11.38 -5.68 0.10
N VAL A 14 -11.02 -4.40 0.03
CA VAL A 14 -11.64 -3.51 -0.95
C VAL A 14 -11.39 -3.97 -2.37
N PHE A 15 -10.19 -4.46 -2.65
CA PHE A 15 -9.90 -4.98 -4.00
C PHE A 15 -10.76 -6.19 -4.34
N HIS A 16 -10.87 -7.13 -3.40
CA HIS A 16 -11.64 -8.35 -3.60
C HIS A 16 -13.10 -8.00 -3.85
N GLN A 17 -13.63 -7.05 -3.09
CA GLN A 17 -15.03 -6.67 -3.24
C GLN A 17 -15.34 -6.11 -4.62
N TYR A 18 -14.54 -5.14 -5.04
CA TYR A 18 -14.78 -4.48 -6.31
C TYR A 18 -14.42 -5.33 -7.52
N SER A 19 -13.31 -6.08 -7.44
CA SER A 19 -12.86 -6.90 -8.57
C SER A 19 -13.83 -8.04 -8.79
N GLY A 20 -14.50 -8.49 -7.73
CA GLY A 20 -15.34 -9.67 -7.82
C GLY A 20 -16.74 -9.41 -8.36
N ARG A 21 -17.05 -8.16 -8.67
CA ARG A 21 -18.40 -7.82 -9.11
C ARG A 21 -18.73 -8.43 -10.46
N GLU A 22 -17.82 -8.28 -11.41
CA GLU A 22 -18.06 -8.70 -12.79
C GLU A 22 -16.84 -9.31 -13.48
N GLY A 23 -17.11 -10.12 -14.50
CA GLY A 23 -16.08 -10.67 -15.36
C GLY A 23 -14.98 -11.39 -14.60
N ASP A 24 -13.74 -11.06 -14.94
CA ASP A 24 -12.58 -11.57 -14.23
C ASP A 24 -12.72 -11.16 -12.77
N LYS A 25 -12.80 -12.14 -11.89
CA LYS A 25 -13.09 -11.90 -10.48
C LYS A 25 -11.86 -11.45 -9.71
N HIS A 26 -10.71 -11.44 -10.36
CA HIS A 26 -9.48 -11.05 -9.70
C HIS A 26 -8.91 -9.78 -10.31
N LYS A 27 -9.69 -9.13 -11.17
CA LYS A 27 -9.28 -7.86 -11.76
C LYS A 27 -10.40 -6.82 -11.75
N LEU A 28 -10.01 -5.54 -11.75
CA LEU A 28 -10.97 -4.45 -11.85
C LEU A 28 -11.17 -4.05 -13.30
N LYS A 29 -12.37 -4.23 -13.84
CA LYS A 29 -12.69 -3.63 -15.14
C LYS A 29 -12.94 -2.15 -14.94
N LYS A 30 -13.15 -1.41 -16.03
CA LYS A 30 -13.36 0.04 -15.93
C LYS A 30 -14.49 0.44 -14.99
N SER A 31 -15.64 -0.23 -15.08
CA SER A 31 -16.77 0.14 -14.25
C SER A 31 -16.47 -0.12 -12.78
N GLU A 32 -15.74 -1.20 -12.51
CA GLU A 32 -15.37 -1.55 -11.13
C GLU A 32 -14.37 -0.54 -10.59
N LEU A 33 -13.36 -0.19 -11.38
CA LEU A 33 -12.36 0.79 -10.93
C LEU A 33 -13.01 2.15 -10.69
N LYS A 34 -13.93 2.53 -11.56
CA LYS A 34 -14.67 3.78 -11.42
C LYS A 34 -15.43 3.87 -10.11
N GLU A 35 -16.16 2.81 -9.76
CA GLU A 35 -16.95 2.81 -8.54
C GLU A 35 -16.08 2.77 -7.29
N LEU A 36 -14.99 2.00 -7.35
CA LEU A 36 -14.02 2.00 -6.25
C LEU A 36 -13.53 3.43 -5.98
N ILE A 37 -13.12 4.14 -7.03
CA ILE A 37 -12.64 5.51 -6.83
C ILE A 37 -13.73 6.45 -6.31
N ASN A 38 -14.91 6.40 -6.92
CA ASN A 38 -16.00 7.28 -6.50
C ASN A 38 -16.56 7.02 -5.11
N ASN A 39 -16.62 5.75 -4.72
CA ASN A 39 -17.18 5.36 -3.42
C ASN A 39 -16.17 5.37 -2.28
N GLU A 40 -14.92 5.01 -2.61
CA GLU A 40 -13.93 4.69 -1.58
C GLU A 40 -12.78 5.68 -1.51
N LEU A 41 -12.69 6.57 -2.49
CA LEU A 41 -11.65 7.59 -2.48
C LEU A 41 -12.22 9.00 -2.67
N SER A 42 -13.47 9.19 -2.26
CA SER A 42 -14.16 10.47 -2.51
C SER A 42 -13.54 11.66 -1.77
N HIS A 43 -12.75 11.39 -0.75
CA HIS A 43 -12.09 12.49 0.00
C HIS A 43 -10.67 12.77 -0.50
N PHE A 44 -10.17 11.93 -1.41
CA PHE A 44 -8.82 12.06 -1.94
C PHE A 44 -8.78 12.44 -3.42
N LEU A 45 -9.72 11.90 -4.21
CA LEU A 45 -9.78 12.11 -5.65
C LEU A 45 -11.12 12.70 -6.08
N GLU A 46 -11.09 13.61 -7.05
CA GLU A 46 -12.32 14.17 -7.60
C GLU A 46 -13.18 13.06 -8.20
N GLU A 47 -14.49 13.17 -8.02
CA GLU A 47 -15.41 12.18 -8.51
C GLU A 47 -15.31 12.07 -10.02
N ILE A 48 -15.30 10.83 -10.52
CA ILE A 48 -15.25 10.59 -11.97
C ILE A 48 -16.67 10.71 -12.56
N LYS A 49 -16.86 11.69 -13.47
CA LYS A 49 -18.18 11.91 -14.09
C LYS A 49 -18.13 11.91 -15.61
N GLU A 50 -16.97 11.55 -16.16
CA GLU A 50 -16.73 11.52 -17.60
C GLU A 50 -16.10 10.20 -17.97
N GLN A 51 -16.60 9.57 -19.02
CA GLN A 51 -16.06 8.30 -19.48
C GLN A 51 -14.60 8.47 -19.90
N GLU A 52 -14.25 9.65 -20.42
CA GLU A 52 -12.87 9.87 -20.83
C GLU A 52 -11.92 9.90 -19.64
N VAL A 53 -12.42 10.25 -18.46
CA VAL A 53 -11.61 10.18 -17.25
C VAL A 53 -11.36 8.73 -16.82
N VAL A 54 -12.40 7.90 -16.81
CA VAL A 54 -12.17 6.49 -16.50
C VAL A 54 -11.22 5.84 -17.52
N ASP A 55 -11.36 6.21 -18.79
CA ASP A 55 -10.46 5.66 -19.80
C ASP A 55 -9.01 6.03 -19.52
N LYS A 56 -8.77 7.28 -19.18
CA LYS A 56 -7.42 7.76 -18.94
C LYS A 56 -6.83 7.16 -17.66
N VAL A 57 -7.66 6.99 -16.63
CA VAL A 57 -7.20 6.40 -15.39
C VAL A 57 -6.81 4.95 -15.59
N MET A 58 -7.64 4.20 -16.33
CA MET A 58 -7.30 2.80 -16.59
C MET A 58 -6.02 2.68 -17.42
N GLU A 59 -5.90 3.54 -18.42
CA GLU A 59 -4.71 3.58 -19.28
C GLU A 59 -3.43 3.74 -18.43
N THR A 60 -3.51 4.58 -17.42
CA THR A 60 -2.36 4.86 -16.56
C THR A 60 -2.03 3.67 -15.68
N LEU A 61 -3.06 3.08 -15.07
CA LEU A 61 -2.86 1.97 -14.14
C LEU A 61 -2.54 0.63 -14.82
N ASP A 62 -3.03 0.45 -16.04
CA ASP A 62 -2.93 -0.84 -16.73
C ASP A 62 -1.59 -1.01 -17.45
N SER A 63 -0.70 -1.83 -16.88
CA SER A 63 0.64 -1.96 -17.43
C SER A 63 0.89 -3.24 -18.24
N ASP A 64 -0.07 -4.16 -18.26
CA ASP A 64 0.07 -5.40 -19.03
C ASP A 64 -0.94 -5.58 -20.18
N GLY A 65 -1.80 -4.58 -20.37
CA GLY A 65 -2.63 -4.51 -21.56
C GLY A 65 -3.82 -5.43 -21.66
N ASP A 66 -4.44 -5.76 -20.53
CA ASP A 66 -5.69 -6.50 -20.60
C ASP A 66 -6.86 -5.56 -20.43
N GLY A 67 -6.55 -4.26 -20.31
CA GLY A 67 -7.59 -3.27 -20.13
C GLY A 67 -8.22 -3.36 -18.75
N GLU A 68 -7.55 -4.05 -17.82
CA GLU A 68 -8.06 -4.21 -16.46
C GLU A 68 -6.97 -3.90 -15.46
N CYS A 69 -7.37 -3.65 -14.22
CA CYS A 69 -6.41 -3.40 -13.15
C CYS A 69 -6.34 -4.62 -12.27
N ASP A 70 -5.20 -5.32 -12.28
CA ASP A 70 -5.01 -6.48 -11.41
C ASP A 70 -4.50 -6.02 -10.05
N PHE A 71 -4.19 -6.97 -9.17
CA PHE A 71 -3.83 -6.57 -7.82
C PHE A 71 -2.50 -5.81 -7.76
N GLN A 72 -1.51 -6.27 -8.51
CA GLN A 72 -0.23 -5.56 -8.56
C GLN A 72 -0.43 -4.11 -9.02
N GLU A 73 -1.26 -3.91 -10.04
CA GLU A 73 -1.50 -2.58 -10.55
C GLU A 73 -2.30 -1.72 -9.57
N PHE A 74 -3.18 -2.35 -8.81
CA PHE A 74 -3.95 -1.64 -7.80
C PHE A 74 -3.01 -1.21 -6.68
N MET A 75 -2.06 -2.07 -6.33
CA MET A 75 -1.09 -1.72 -5.29
C MET A 75 -0.23 -0.54 -5.71
N ALA A 76 0.13 -0.49 -7.00
CA ALA A 76 0.85 0.65 -7.53
C ALA A 76 -0.01 1.93 -7.41
N PHE A 77 -1.31 1.80 -7.65
CA PHE A 77 -2.22 2.93 -7.52
C PHE A 77 -2.28 3.41 -6.07
N VAL A 78 -2.43 2.48 -5.14
CA VAL A 78 -2.43 2.82 -3.72
C VAL A 78 -1.13 3.53 -3.31
N ALA A 79 0.00 3.03 -3.78
CA ALA A 79 1.28 3.68 -3.48
C ALA A 79 1.34 5.10 -4.05
N MET A 80 0.79 5.29 -5.24
CA MET A 80 0.72 6.63 -5.86
C MET A 80 -0.07 7.58 -4.97
N ILE A 81 -1.22 7.11 -4.50
CA ILE A 81 -2.10 7.91 -3.65
C ILE A 81 -1.44 8.26 -2.32
N THR A 82 -0.90 7.24 -1.65
CA THR A 82 -0.27 7.40 -0.35
C THR A 82 0.95 8.32 -0.42
N THR A 83 1.71 8.20 -1.50
CA THR A 83 2.81 9.12 -1.78
C THR A 83 2.33 10.54 -2.03
N ALA A 84 1.27 10.70 -2.81
CA ALA A 84 0.73 12.04 -3.09
C ALA A 84 0.24 12.71 -1.81
N CYS A 85 -0.25 11.91 -0.87
CA CYS A 85 -0.70 12.41 0.43
C CYS A 85 0.49 12.71 1.34
N HIS A 86 1.47 11.81 1.35
CA HIS A 86 2.69 12.00 2.11
C HIS A 86 3.40 13.28 1.66
N GLU A 87 3.18 13.65 0.40
CA GLU A 87 3.80 14.84 -0.18
C GLU A 87 2.93 16.08 -0.01
N PHE A 88 1.61 15.90 0.01
CA PHE A 88 0.69 17.00 0.23
C PHE A 88 0.89 17.62 1.62
N PHE A 89 1.45 16.85 2.53
CA PHE A 89 1.68 17.29 3.90
C PHE A 89 3.16 17.44 4.23
N MET B 1 -14.14 8.24 7.39
CA MET B 1 -13.33 7.77 6.28
C MET B 1 -13.83 6.43 5.76
N SER B 2 -13.66 6.19 4.46
CA SER B 2 -13.85 4.84 3.91
C SER B 2 -12.71 4.01 4.47
N GLU B 3 -12.87 2.69 4.47
CA GLU B 3 -11.81 1.80 4.93
C GLU B 3 -10.52 1.99 4.13
N LEU B 4 -10.64 2.27 2.84
CA LEU B 4 -9.46 2.48 2.01
C LEU B 4 -8.73 3.77 2.39
N GLU B 5 -9.49 4.85 2.62
CA GLU B 5 -8.88 6.12 3.01
C GLU B 5 -8.24 5.99 4.39
N LYS B 6 -8.91 5.27 5.29
CA LYS B 6 -8.33 4.99 6.60
C LYS B 6 -6.99 4.29 6.44
N ALA B 7 -6.95 3.31 5.53
CA ALA B 7 -5.73 2.55 5.30
C ALA B 7 -4.59 3.45 4.81
N VAL B 8 -4.90 4.36 3.90
CA VAL B 8 -3.92 5.27 3.35
C VAL B 8 -3.34 6.15 4.47
N VAL B 9 -4.23 6.66 5.31
CA VAL B 9 -3.80 7.51 6.41
C VAL B 9 -2.96 6.72 7.41
N ALA B 10 -3.37 5.49 7.70
CA ALA B 10 -2.64 4.64 8.64
C ALA B 10 -1.21 4.37 8.18
N LEU B 11 -1.04 4.10 6.88
CA LEU B 11 0.30 3.86 6.33
C LEU B 11 1.24 5.04 6.58
N ILE B 12 0.74 6.24 6.30
CA ILE B 12 1.51 7.47 6.50
C ILE B 12 1.82 7.63 7.99
N ASP B 13 0.80 7.43 8.82
CA ASP B 13 0.96 7.70 10.26
C ASP B 13 1.91 6.71 10.95
N VAL B 14 1.83 5.43 10.60
CA VAL B 14 2.72 4.46 11.21
C VAL B 14 4.15 4.71 10.78
N PHE B 15 4.36 5.12 9.52
CA PHE B 15 5.73 5.34 9.07
C PHE B 15 6.35 6.48 9.88
N HIS B 16 5.59 7.54 10.06
CA HIS B 16 6.10 8.70 10.78
C HIS B 16 6.26 8.46 12.28
N GLN B 17 5.42 7.59 12.83
CA GLN B 17 5.52 7.17 14.23
C GLN B 17 6.90 6.64 14.54
N TYR B 18 7.43 5.84 13.62
CA TYR B 18 8.71 5.16 13.81
C TYR B 18 9.90 5.91 13.22
N SER B 19 9.70 6.51 12.07
CA SER B 19 10.80 7.18 11.38
C SER B 19 11.27 8.39 12.18
N GLY B 20 10.37 8.97 12.97
CA GLY B 20 10.69 10.15 13.74
C GLY B 20 11.51 9.86 14.99
N ARG B 21 11.56 8.61 15.42
CA ARG B 21 12.19 8.28 16.70
C ARG B 21 13.63 8.76 16.85
N GLU B 22 14.44 8.53 15.81
CA GLU B 22 15.88 8.79 15.92
C GLU B 22 16.41 9.28 14.60
N GLY B 23 17.58 9.91 14.64
CA GLY B 23 18.28 10.18 13.41
C GLY B 23 17.54 11.15 12.52
N ASP B 24 17.68 10.95 11.22
CA ASP B 24 16.76 11.52 10.25
C ASP B 24 15.37 11.18 10.78
N LYS B 25 14.42 12.09 10.71
CA LYS B 25 13.09 11.70 11.15
C LYS B 25 12.19 11.33 9.97
N HIS B 26 12.77 11.26 8.78
CA HIS B 26 12.05 10.94 7.54
C HIS B 26 12.41 9.59 6.91
N LYS B 27 13.33 8.87 7.54
CA LYS B 27 13.67 7.54 7.08
C LYS B 27 13.63 6.63 8.26
N LEU B 28 13.44 5.34 8.01
CA LEU B 28 13.59 4.34 9.05
C LEU B 28 15.02 3.82 9.02
N LYS B 29 15.76 4.07 10.10
CA LYS B 29 17.04 3.42 10.31
C LYS B 29 16.76 2.00 10.79
N LYS B 30 17.81 1.19 10.92
CA LYS B 30 17.61 -0.21 11.31
C LYS B 30 16.78 -0.38 12.59
N SER B 31 17.11 0.37 13.63
CA SER B 31 16.39 0.20 14.90
C SER B 31 14.93 0.63 14.82
N GLU B 32 14.64 1.64 14.01
CA GLU B 32 13.27 2.13 13.79
C GLU B 32 12.48 1.07 13.01
N LEU B 33 13.11 0.53 11.98
CA LEU B 33 12.47 -0.50 11.15
C LEU B 33 12.18 -1.76 11.96
N LYS B 34 13.16 -2.17 12.76
CA LYS B 34 13.07 -3.37 13.58
C LYS B 34 11.85 -3.36 14.49
N GLU B 35 11.61 -2.22 15.13
CA GLU B 35 10.50 -2.14 16.09
C GLU B 35 9.16 -1.86 15.39
N LEU B 36 9.19 -1.19 14.24
CA LEU B 36 7.95 -1.10 13.44
C LEU B 36 7.47 -2.53 13.17
N ILE B 37 8.37 -3.36 12.67
CA ILE B 37 8.02 -4.75 12.34
C ILE B 37 7.61 -5.55 13.57
N ASN B 38 8.38 -5.44 14.64
CA ASN B 38 8.09 -6.24 15.83
C ASN B 38 6.79 -5.84 16.55
N ASN B 39 6.49 -4.54 16.56
CA ASN B 39 5.30 -4.02 17.24
C ASN B 39 4.06 -3.94 16.37
N GLU B 40 4.24 -3.63 15.09
CA GLU B 40 3.11 -3.31 14.23
C GLU B 40 2.81 -4.39 13.21
N LEU B 41 3.68 -5.38 13.10
CA LEU B 41 3.43 -6.53 12.22
C LEU B 41 3.59 -7.87 12.93
N SER B 42 3.31 -7.88 14.24
CA SER B 42 3.48 -9.06 15.07
C SER B 42 2.57 -10.22 14.70
N HIS B 43 1.54 -9.96 13.91
CA HIS B 43 0.63 -11.03 13.47
C HIS B 43 0.95 -11.53 12.06
N PHE B 44 1.74 -10.77 11.31
CA PHE B 44 2.06 -11.10 9.93
C PHE B 44 3.49 -11.60 9.78
N LEU B 45 4.41 -11.09 10.58
CA LEU B 45 5.80 -11.45 10.42
C LEU B 45 6.43 -11.93 11.72
N GLU B 46 7.35 -12.87 11.58
CA GLU B 46 8.09 -13.39 12.70
C GLU B 46 8.89 -12.27 13.36
N GLU B 47 8.89 -12.25 14.69
CA GLU B 47 9.62 -11.24 15.44
C GLU B 47 11.14 -11.29 15.14
N ILE B 48 11.72 -10.12 14.88
CA ILE B 48 13.16 -10.06 14.61
C ILE B 48 13.97 -9.99 15.90
N LYS B 49 14.94 -10.88 16.03
CA LYS B 49 15.72 -10.96 17.26
C LYS B 49 17.23 -10.99 17.01
N GLU B 50 17.64 -11.12 15.75
CA GLU B 50 19.07 -11.12 15.45
C GLU B 50 19.45 -9.86 14.74
N GLN B 51 20.74 -9.53 14.79
CA GLN B 51 21.26 -8.42 13.99
C GLN B 51 21.28 -8.86 12.54
N GLU B 52 21.62 -10.12 12.30
CA GLU B 52 21.72 -10.63 10.94
C GLU B 52 20.40 -10.44 10.18
N VAL B 53 19.29 -10.58 10.90
CA VAL B 53 17.96 -10.45 10.28
C VAL B 53 17.56 -8.98 10.07
N VAL B 54 17.79 -8.14 11.09
CA VAL B 54 17.68 -6.68 10.90
C VAL B 54 18.47 -6.28 9.66
N ASP B 55 19.72 -6.73 9.59
CA ASP B 55 20.58 -6.40 8.47
C ASP B 55 20.01 -6.84 7.13
N LYS B 56 19.57 -8.09 7.06
CA LYS B 56 19.08 -8.66 5.82
C LYS B 56 17.76 -8.00 5.36
N VAL B 57 16.90 -7.68 6.31
CA VAL B 57 15.62 -7.04 5.99
C VAL B 57 15.87 -5.64 5.45
N MET B 58 16.75 -4.88 6.10
CA MET B 58 17.13 -3.58 5.58
C MET B 58 17.83 -3.68 4.20
N GLU B 59 18.73 -4.66 4.06
CA GLU B 59 19.39 -4.86 2.77
C GLU B 59 18.36 -5.09 1.66
N THR B 60 17.32 -5.85 1.98
CA THR B 60 16.28 -6.17 1.02
C THR B 60 15.46 -4.93 0.64
N LEU B 61 15.13 -4.12 1.63
CA LEU B 61 14.24 -2.97 1.42
C LEU B 61 14.94 -1.71 0.90
N ASP B 62 16.24 -1.61 1.12
CA ASP B 62 16.98 -0.38 0.83
C ASP B 62 17.40 -0.32 -0.64
N SER B 63 16.45 0.04 -1.51
CA SER B 63 16.67 0.08 -2.94
C SER B 63 17.70 1.12 -3.41
N ASP B 64 17.76 2.27 -2.73
CA ASP B 64 18.68 3.33 -3.12
C ASP B 64 20.04 3.31 -2.41
N GLY B 65 20.24 2.34 -1.51
CA GLY B 65 21.55 2.09 -0.94
C GLY B 65 22.01 2.89 0.27
N ASP B 66 21.23 3.88 0.69
CA ASP B 66 21.68 4.77 1.76
C ASP B 66 21.64 4.18 3.18
N GLY B 67 21.29 2.90 3.31
CA GLY B 67 21.28 2.25 4.60
C GLY B 67 20.03 2.46 5.43
N GLU B 68 19.07 3.23 4.91
CA GLU B 68 17.81 3.47 5.61
C GLU B 68 16.63 3.18 4.68
N CYS B 69 15.44 3.09 5.25
CA CYS B 69 14.24 2.80 4.46
C CYS B 69 13.40 4.06 4.39
N ASP B 70 13.32 4.68 3.22
CA ASP B 70 12.52 5.89 3.10
C ASP B 70 11.06 5.54 2.84
N PHE B 71 10.21 6.55 2.61
CA PHE B 71 8.78 6.25 2.47
C PHE B 71 8.47 5.38 1.26
N GLN B 72 9.12 5.64 0.14
CA GLN B 72 8.87 4.89 -1.08
C GLN B 72 9.25 3.41 -0.91
N GLU B 73 10.37 3.20 -0.22
CA GLU B 73 10.84 1.85 0.09
C GLU B 73 9.89 1.17 1.08
N PHE B 74 9.32 1.95 1.99
CA PHE B 74 8.36 1.39 2.95
C PHE B 74 7.09 1.00 2.21
N MET B 75 6.66 1.83 1.27
CA MET B 75 5.48 1.49 0.47
C MET B 75 5.70 0.19 -0.31
N ALA B 76 6.92 -0.01 -0.83
CA ALA B 76 7.23 -1.26 -1.52
C ALA B 76 7.18 -2.46 -0.56
N PHE B 77 7.66 -2.26 0.67
CA PHE B 77 7.53 -3.27 1.72
C PHE B 77 6.07 -3.63 1.96
N VAL B 78 5.24 -2.61 2.16
CA VAL B 78 3.80 -2.82 2.35
C VAL B 78 3.20 -3.55 1.15
N ALA B 79 3.59 -3.16 -0.06
CA ALA B 79 3.14 -3.86 -1.27
C ALA B 79 3.51 -5.36 -1.25
N MET B 80 4.71 -5.66 -0.77
CA MET B 80 5.13 -7.06 -0.60
C MET B 80 4.20 -7.81 0.35
N ILE B 81 3.91 -7.21 1.49
CA ILE B 81 3.11 -7.87 2.50
C ILE B 81 1.69 -8.08 2.02
N THR B 82 1.14 -7.07 1.36
CA THR B 82 -0.27 -7.11 0.98
C THR B 82 -0.48 -8.07 -0.17
N THR B 83 0.51 -8.11 -1.04
CA THR B 83 0.44 -9.02 -2.18
C THR B 83 0.46 -10.47 -1.72
N ALA B 84 1.30 -10.77 -0.74
CA ALA B 84 1.35 -12.10 -0.14
C ALA B 84 0.04 -12.49 0.52
N CYS B 85 -0.60 -11.52 1.18
CA CYS B 85 -1.90 -11.75 1.81
C CYS B 85 -2.94 -12.02 0.73
N HIS B 86 -2.90 -11.22 -0.34
CA HIS B 86 -3.86 -11.37 -1.43
C HIS B 86 -3.73 -12.70 -2.15
N GLU B 87 -2.49 -13.08 -2.45
CA GLU B 87 -2.24 -14.39 -3.06
C GLU B 87 -2.70 -15.55 -2.17
N PHE B 88 -2.86 -15.29 -0.88
CA PHE B 88 -3.26 -16.33 0.06
C PHE B 88 -4.77 -16.60 0.09
N PHE B 89 -5.56 -15.55 0.23
CA PHE B 89 -7.01 -15.70 0.22
C PHE B 89 -7.52 -16.07 -1.17
N GLU B 90 -6.71 -15.81 -2.19
CA GLU B 90 -7.03 -16.22 -3.56
C GLU B 90 -6.69 -17.68 -3.78
#